data_4YL5
#
_entry.id   4YL5
#
_cell.length_a   58.820
_cell.length_b   108.100
_cell.length_c   88.880
_cell.angle_alpha   90.000
_cell.angle_beta   90.000
_cell.angle_gamma   90.000
#
_symmetry.space_group_name_H-M   'C 2 2 21'
#
loop_
_entity.id
_entity.type
_entity.pdbx_description
1 polymer 'Putative phosphomethylpyrimidine kinase'
2 non-polymer 1,2-ETHANEDIOL
3 water water
#
_entity_poly.entity_id   1
_entity_poly.type   'polypeptide(L)'
_entity_poly.pdbx_seq_one_letter_code
;MAHHHHHHVRPTVLCFSGLDPSGGAGLQADIEAIGQSGAHAAIACTALTIQNSQQVFGFEATSKELLLAQANAVVGDLPI
KCVKSGMLGTTDNIAALAEFLRAHPDYQYVLDPVLVANSGGSLGDQATLVKAFVELIPLATLITPNTVELRALTGVTDLD
QATQKLFEMGAKAVLVKGGHEDTPDFIKNSLYIDGELAASSTCPRLEGEYHGSGCSLASFIAGRLALGDSLKIAVQHAET
WLFGVLKNAETPVLNGQKIPKRF
;
_entity_poly.pdbx_strand_id   A
#
# COMPACT_ATOMS: atom_id res chain seq x y z
N VAL A 9 23.81 1.12 5.32
CA VAL A 9 22.42 0.72 5.25
C VAL A 9 21.95 0.71 3.80
N ARG A 10 21.07 -0.25 3.48
CA ARG A 10 20.42 -0.33 2.17
C ARG A 10 19.44 0.82 2.04
N PRO A 11 19.02 1.15 0.79
CA PRO A 11 17.96 2.16 0.69
CA PRO A 11 17.93 2.11 0.63
C PRO A 11 16.75 1.74 1.51
N THR A 12 16.11 2.73 2.13
CA THR A 12 15.07 2.46 3.10
C THR A 12 13.68 2.75 2.58
N VAL A 13 12.74 1.87 2.91
CA VAL A 13 11.30 2.09 2.73
C VAL A 13 10.69 2.38 4.09
N LEU A 14 10.08 3.54 4.24
CA LEU A 14 9.41 3.89 5.49
C LEU A 14 7.94 3.53 5.37
N CYS A 15 7.46 2.67 6.27
CA CYS A 15 6.11 2.13 6.19
C CYS A 15 5.20 2.73 7.24
N PHE A 16 4.13 3.35 6.79
CA PHE A 16 3.06 3.78 7.67
C PHE A 16 2.01 2.68 7.70
N SER A 17 2.10 1.78 8.69
CA SER A 17 1.31 0.56 8.71
C SER A 17 0.89 0.20 10.12
N GLY A 18 -0.16 -0.61 10.25
CA GLY A 18 -0.61 -1.07 11.55
C GLY A 18 0.01 -2.38 11.99
N LEU A 19 -0.08 -2.66 13.29
CA LEU A 19 0.45 -3.91 13.83
CA LEU A 19 0.44 -3.92 13.84
C LEU A 19 -0.67 -4.94 14.00
N ASP A 20 -0.46 -6.13 13.42
CA ASP A 20 -1.33 -7.29 13.55
C ASP A 20 -0.62 -8.30 14.44
N PRO A 21 -1.07 -8.46 15.71
CA PRO A 21 -0.36 -9.37 16.61
C PRO A 21 -0.22 -10.79 16.11
N SER A 22 -1.15 -11.26 15.27
CA SER A 22 -1.10 -12.64 14.83
C SER A 22 -0.03 -12.84 13.76
N GLY A 23 0.49 -11.75 13.23
CA GLY A 23 1.60 -11.79 12.28
C GLY A 23 1.23 -12.19 10.87
N GLY A 24 -0.05 -12.14 10.54
CA GLY A 24 -0.50 -12.50 9.20
C GLY A 24 -0.43 -11.34 8.23
N ALA A 25 -0.45 -10.13 8.77
CA ALA A 25 -0.51 -8.94 7.92
C ALA A 25 0.15 -7.76 8.63
N GLY A 26 -0.03 -6.57 8.09
CA GLY A 26 0.47 -5.38 8.75
C GLY A 26 1.96 -5.15 8.60
N LEU A 27 2.53 -4.40 9.53
CA LEU A 27 3.92 -4.03 9.41
C LEU A 27 4.84 -5.25 9.43
N GLN A 28 4.38 -6.35 10.04
CA GLN A 28 5.17 -7.59 9.99
C GLN A 28 5.32 -8.09 8.55
N ALA A 29 4.23 -8.05 7.79
CA ALA A 29 4.29 -8.48 6.39
C ALA A 29 5.16 -7.50 5.58
N ASP A 30 5.11 -6.22 5.94
CA ASP A 30 5.96 -5.21 5.29
C ASP A 30 7.43 -5.53 5.47
N ILE A 31 7.80 -5.83 6.71
CA ILE A 31 9.19 -6.17 7.05
C ILE A 31 9.66 -7.39 6.26
N GLU A 32 8.83 -8.43 6.20
CA GLU A 32 9.20 -9.64 5.49
C GLU A 32 9.38 -9.37 3.98
N ALA A 33 8.43 -8.65 3.38
CA ALA A 33 8.48 -8.38 1.94
C ALA A 33 9.64 -7.46 1.58
N ILE A 34 9.85 -6.42 2.37
CA ILE A 34 10.89 -5.46 2.05
C ILE A 34 12.29 -6.08 2.19
N GLY A 35 12.48 -6.88 3.24
CA GLY A 35 13.74 -7.59 3.39
C GLY A 35 14.03 -8.47 2.19
N GLN A 36 13.01 -9.18 1.72
CA GLN A 36 13.20 -10.09 0.60
C GLN A 36 13.42 -9.33 -0.72
N SER A 37 12.97 -8.09 -0.79
CA SER A 37 13.20 -7.25 -1.97
C SER A 37 14.62 -6.73 -2.06
N GLY A 38 15.32 -6.71 -0.92
CA GLY A 38 16.71 -6.26 -0.92
C GLY A 38 16.90 -4.90 -0.29
N ALA A 39 15.81 -4.32 0.19
CA ALA A 39 15.85 -2.99 0.81
C ALA A 39 15.73 -3.11 2.33
N HIS A 40 15.80 -1.98 3.01
CA HIS A 40 15.66 -1.94 4.46
C HIS A 40 14.32 -1.34 4.84
N ALA A 41 13.62 -1.95 5.81
CA ALA A 41 12.34 -1.40 6.26
C ALA A 41 12.51 -0.55 7.52
N ALA A 42 11.84 0.60 7.51
CA ALA A 42 11.64 1.42 8.70
C ALA A 42 10.14 1.54 8.90
N ILE A 43 9.72 1.78 10.15
CA ILE A 43 8.30 1.67 10.50
C ILE A 43 7.80 2.87 11.30
N ALA A 44 6.70 3.45 10.83
CA ALA A 44 5.94 4.42 11.62
C ALA A 44 4.58 3.78 11.88
N CYS A 45 4.40 3.22 13.08
CA CYS A 45 3.22 2.41 13.37
C CYS A 45 1.97 3.27 13.57
N THR A 46 0.93 2.97 12.79
CA THR A 46 -0.29 3.76 12.76
C THR A 46 -1.35 3.28 13.75
N ALA A 47 -1.20 2.06 14.26
CA ALA A 47 -2.19 1.45 15.15
C ALA A 47 -1.70 0.15 15.75
N LEU A 48 -2.08 -0.09 17.00
CA LEU A 48 -1.90 -1.40 17.61
C LEU A 48 -3.26 -2.08 17.53
N THR A 49 -3.38 -3.09 16.67
CA THR A 49 -4.68 -3.76 16.55
C THR A 49 -4.79 -4.95 17.48
N ILE A 50 -6.03 -5.31 17.82
CA ILE A 50 -6.34 -6.50 18.60
CA ILE A 50 -6.33 -6.49 18.60
C ILE A 50 -7.08 -7.42 17.67
N GLN A 51 -6.39 -8.41 17.12
CA GLN A 51 -7.01 -9.28 16.12
C GLN A 51 -6.25 -10.59 15.98
N ASN A 52 -6.92 -11.57 15.38
CA ASN A 52 -6.26 -12.82 15.00
C ASN A 52 -6.78 -13.21 13.61
N SER A 53 -6.54 -14.45 13.19
CA SER A 53 -6.93 -14.87 11.85
C SER A 53 -8.43 -14.85 11.63
N GLN A 54 -9.19 -14.90 12.72
CA GLN A 54 -10.63 -15.07 12.63
C GLN A 54 -11.42 -13.76 12.69
N GLN A 55 -10.88 -12.76 13.38
CA GLN A 55 -11.65 -11.53 13.62
C GLN A 55 -10.79 -10.37 14.12
N VAL A 56 -11.35 -9.17 14.05
CA VAL A 56 -10.75 -7.99 14.64
C VAL A 56 -11.57 -7.62 15.87
N PHE A 57 -10.93 -7.57 17.03
CA PHE A 57 -11.65 -7.22 18.25
C PHE A 57 -11.72 -5.70 18.41
N GLY A 58 -10.68 -5.02 17.96
CA GLY A 58 -10.62 -3.58 18.01
C GLY A 58 -9.22 -3.09 17.69
N PHE A 59 -8.99 -1.80 17.84
CA PHE A 59 -7.63 -1.28 17.66
C PHE A 59 -7.47 0.05 18.38
N GLU A 60 -6.22 0.36 18.68
CA GLU A 60 -5.85 1.63 19.29
C GLU A 60 -5.02 2.39 18.28
N ALA A 61 -5.63 3.39 17.63
CA ALA A 61 -4.90 4.13 16.60
C ALA A 61 -3.85 5.01 17.24
N THR A 62 -2.68 5.08 16.61
CA THR A 62 -1.63 6.01 17.01
C THR A 62 -2.08 7.46 16.79
N SER A 63 -1.76 8.35 17.73
CA SER A 63 -2.06 9.77 17.53
C SER A 63 -1.28 10.33 16.34
N LYS A 64 -1.76 11.41 15.74
CA LYS A 64 -1.02 11.99 14.62
C LYS A 64 0.35 12.46 15.10
N GLU A 65 0.43 12.93 16.35
CA GLU A 65 1.69 13.40 16.90
C GLU A 65 2.71 12.28 17.07
N LEU A 66 2.27 11.16 17.60
CA LEU A 66 3.18 10.02 17.79
C LEU A 66 3.52 9.36 16.46
N LEU A 67 2.58 9.41 15.51
CA LEU A 67 2.84 8.86 14.18
C LEU A 67 3.98 9.64 13.51
N LEU A 68 3.85 10.96 13.45
CA LEU A 68 4.87 11.79 12.84
C LEU A 68 6.20 11.75 13.62
N ALA A 69 6.13 11.56 14.94
CA ALA A 69 7.35 11.52 15.75
C ALA A 69 8.19 10.31 15.32
N GLN A 70 7.53 9.17 15.12
CA GLN A 70 8.22 7.97 14.64
C GLN A 70 8.85 8.19 13.28
N ALA A 71 8.07 8.75 12.37
CA ALA A 71 8.54 8.99 11.01
C ALA A 71 9.73 9.95 11.00
N ASN A 72 9.61 11.04 11.77
CA ASN A 72 10.63 12.07 11.73
C ASN A 72 11.92 11.65 12.41
N ALA A 73 11.86 10.66 13.30
CA ALA A 73 13.07 10.12 13.90
C ALA A 73 13.94 9.43 12.83
N VAL A 74 13.28 8.88 11.82
CA VAL A 74 13.91 8.13 10.73
C VAL A 74 14.52 9.11 9.70
N VAL A 75 13.79 10.19 9.43
CA VAL A 75 14.26 11.21 8.49
C VAL A 75 15.59 11.79 8.97
N GLY A 76 16.56 11.87 8.07
CA GLY A 76 17.87 12.42 8.38
C GLY A 76 18.87 11.39 8.87
N ASP A 77 18.37 10.24 9.31
CA ASP A 77 19.23 9.17 9.82
C ASP A 77 19.41 8.06 8.78
N LEU A 78 18.31 7.70 8.14
CA LEU A 78 18.30 6.60 7.16
C LEU A 78 18.06 7.12 5.76
N PRO A 79 18.59 6.40 4.75
CA PRO A 79 18.41 6.87 3.37
C PRO A 79 17.03 6.49 2.82
N ILE A 80 16.00 7.21 3.27
CA ILE A 80 14.64 6.96 2.82
C ILE A 80 14.50 7.29 1.33
N LYS A 81 14.02 6.32 0.55
CA LYS A 81 13.81 6.51 -0.88
C LYS A 81 12.33 6.37 -1.25
N CYS A 82 11.58 5.64 -0.42
CA CYS A 82 10.18 5.35 -0.71
C CYS A 82 9.40 5.25 0.58
N VAL A 83 8.14 5.65 0.50
CA VAL A 83 7.20 5.48 1.59
C VAL A 83 6.17 4.45 1.13
N LYS A 84 5.71 3.59 2.03
CA LYS A 84 4.58 2.71 1.75
C LYS A 84 3.56 2.92 2.85
N SER A 85 2.27 2.93 2.51
CA SER A 85 1.25 2.96 3.57
C SER A 85 0.29 1.78 3.43
N GLY A 86 -0.15 1.28 4.59
CA GLY A 86 -1.24 0.30 4.62
C GLY A 86 -2.35 0.85 5.49
N MET A 87 -2.64 0.16 6.59
CA MET A 87 -3.65 0.64 7.53
C MET A 87 -3.24 1.98 8.09
N LEU A 88 -4.14 2.97 8.01
CA LEU A 88 -3.87 4.25 8.64
C LEU A 88 -4.78 4.51 9.85
N GLY A 89 -5.93 3.83 9.90
CA GLY A 89 -6.78 3.85 11.09
C GLY A 89 -7.76 5.01 11.23
N THR A 90 -7.25 6.24 11.07
CA THR A 90 -8.06 7.43 11.29
C THR A 90 -7.85 8.46 10.19
N THR A 91 -8.81 9.38 10.06
CA THR A 91 -8.68 10.46 9.09
C THR A 91 -7.53 11.38 9.49
N ASP A 92 -7.29 11.54 10.79
CA ASP A 92 -6.15 12.30 11.28
C ASP A 92 -4.83 11.74 10.74
N ASN A 93 -4.70 10.42 10.74
CA ASN A 93 -3.44 9.81 10.32
C ASN A 93 -3.28 9.87 8.81
N ILE A 94 -4.38 9.78 8.07
CA ILE A 94 -4.32 9.97 6.62
C ILE A 94 -3.81 11.40 6.36
N ALA A 95 -4.35 12.37 7.08
CA ALA A 95 -3.95 13.76 6.89
C ALA A 95 -2.48 13.97 7.30
N ALA A 96 -2.05 13.28 8.35
CA ALA A 96 -0.66 13.39 8.80
C ALA A 96 0.30 12.82 7.78
N LEU A 97 -0.06 11.69 7.20
CA LEU A 97 0.77 11.11 6.15
C LEU A 97 0.85 12.05 4.94
N ALA A 98 -0.28 12.62 4.54
CA ALA A 98 -0.25 13.55 3.39
C ALA A 98 0.69 14.72 3.67
N GLU A 99 0.63 15.23 4.91
CA GLU A 99 1.49 16.32 5.35
C GLU A 99 2.96 15.92 5.23
N PHE A 100 3.29 14.72 5.71
CA PHE A 100 4.64 14.18 5.63
C PHE A 100 5.08 14.07 4.17
N LEU A 101 4.23 13.51 3.31
CA LEU A 101 4.60 13.34 1.92
C LEU A 101 4.82 14.68 1.20
N ARG A 102 4.00 15.68 1.53
CA ARG A 102 4.16 16.97 0.85
C ARG A 102 5.41 17.70 1.35
N ALA A 103 5.93 17.30 2.51
CA ALA A 103 7.20 17.86 3.00
C ALA A 103 8.38 17.16 2.34
N HIS A 104 8.12 16.03 1.70
CA HIS A 104 9.17 15.23 1.05
C HIS A 104 8.74 14.75 -0.34
N PRO A 105 8.53 15.69 -1.28
CA PRO A 105 8.05 15.27 -2.60
C PRO A 105 9.06 14.42 -3.38
N ASP A 106 10.30 14.32 -2.87
CA ASP A 106 11.32 13.53 -3.53
C ASP A 106 11.17 12.03 -3.19
N TYR A 107 10.42 11.70 -2.13
CA TYR A 107 10.18 10.29 -1.81
C TYR A 107 9.19 9.69 -2.81
N GLN A 108 9.42 8.46 -3.25
CA GLN A 108 8.37 7.75 -3.97
C GLN A 108 7.36 7.30 -2.93
N TYR A 109 6.15 6.94 -3.36
CA TYR A 109 5.10 6.59 -2.39
C TYR A 109 4.22 5.51 -3.00
N VAL A 110 4.12 4.38 -2.31
CA VAL A 110 3.18 3.32 -2.72
C VAL A 110 2.03 3.29 -1.73
N LEU A 111 0.83 3.57 -2.25
CA LEU A 111 -0.41 3.60 -1.47
C LEU A 111 -1.14 2.27 -1.59
N ASP A 112 -1.17 1.49 -0.50
CA ASP A 112 -1.99 0.28 -0.45
C ASP A 112 -3.24 0.66 0.34
N PRO A 113 -4.39 0.80 -0.35
CA PRO A 113 -5.58 1.39 0.26
C PRO A 113 -6.34 0.45 1.17
N VAL A 114 -5.70 0.03 2.26
CA VAL A 114 -6.29 -0.90 3.22
C VAL A 114 -7.53 -0.31 3.90
N LEU A 115 -8.66 -1.02 3.85
CA LEU A 115 -9.89 -0.51 4.45
C LEU A 115 -10.44 -1.47 5.50
N VAL A 116 -10.07 -2.74 5.36
CA VAL A 116 -10.66 -3.81 6.15
C VAL A 116 -9.61 -4.91 6.32
N ALA A 117 -9.71 -5.69 7.40
CA ALA A 117 -8.75 -6.77 7.63
C ALA A 117 -9.03 -7.98 6.73
N ASN A 118 -8.06 -8.89 6.63
CA ASN A 118 -8.22 -10.13 5.88
C ASN A 118 -9.48 -10.88 6.30
N SER A 119 -9.72 -10.91 7.60
CA SER A 119 -10.91 -11.54 8.19
C SER A 119 -12.21 -10.82 7.84
N GLY A 120 -12.10 -9.58 7.39
CA GLY A 120 -13.29 -8.76 7.15
C GLY A 120 -13.65 -7.85 8.31
N GLY A 121 -12.85 -7.92 9.38
CA GLY A 121 -13.06 -7.05 10.53
C GLY A 121 -12.70 -5.60 10.25
N SER A 122 -13.34 -4.69 10.99
CA SER A 122 -13.21 -3.26 10.76
C SER A 122 -11.84 -2.70 11.15
N LEU A 123 -11.25 -1.90 10.26
CA LEU A 123 -10.02 -1.17 10.59
C LEU A 123 -10.29 0.33 10.53
N GLY A 124 -11.55 0.71 10.75
CA GLY A 124 -11.96 2.10 10.73
C GLY A 124 -13.22 2.31 9.92
N ASP A 125 -13.79 3.51 10.04
CA ASP A 125 -15.04 3.83 9.35
C ASP A 125 -14.80 4.03 7.85
N GLN A 126 -15.34 3.13 7.04
CA GLN A 126 -14.95 3.12 5.62
C GLN A 126 -15.44 4.37 4.89
N ALA A 127 -16.63 4.86 5.20
CA ALA A 127 -17.17 6.03 4.52
C ALA A 127 -16.24 7.24 4.70
N THR A 128 -15.83 7.51 5.93
CA THR A 128 -14.99 8.68 6.16
C THR A 128 -13.57 8.43 5.69
N LEU A 129 -13.07 7.21 5.80
CA LEU A 129 -11.72 6.90 5.30
C LEU A 129 -11.64 7.03 3.79
N VAL A 130 -12.65 6.53 3.08
CA VAL A 130 -12.67 6.66 1.62
C VAL A 130 -12.58 8.13 1.23
N LYS A 131 -13.35 8.99 1.91
CA LYS A 131 -13.33 10.41 1.58
C LYS A 131 -11.96 11.02 1.89
N ALA A 132 -11.33 10.55 2.96
CA ALA A 132 -10.03 11.10 3.35
C ALA A 132 -8.93 10.67 2.38
N PHE A 133 -9.05 9.47 1.81
CA PHE A 133 -8.04 8.96 0.88
C PHE A 133 -7.87 9.82 -0.38
N VAL A 134 -8.88 10.64 -0.68
CA VAL A 134 -8.84 11.54 -1.84
C VAL A 134 -7.56 12.35 -1.83
N GLU A 135 -7.14 12.72 -0.61
CA GLU A 135 -5.94 13.53 -0.42
C GLU A 135 -4.66 12.81 -0.82
N LEU A 136 -4.62 11.50 -0.62
CA LEU A 136 -3.39 10.71 -0.84
C LEU A 136 -3.25 10.21 -2.27
N ILE A 137 -4.37 10.03 -2.95
CA ILE A 137 -4.37 9.45 -4.31
C ILE A 137 -3.42 10.16 -5.29
N PRO A 138 -3.43 11.51 -5.33
CA PRO A 138 -2.53 12.17 -6.28
C PRO A 138 -1.05 12.18 -5.87
N LEU A 139 -0.75 11.80 -4.63
CA LEU A 139 0.62 11.84 -4.15
C LEU A 139 1.37 10.54 -4.42
N ALA A 140 0.64 9.50 -4.78
CA ALA A 140 1.23 8.18 -4.89
C ALA A 140 1.94 7.96 -6.23
N THR A 141 3.13 7.35 -6.15
CA THR A 141 3.82 6.82 -7.32
C THR A 141 2.99 5.68 -7.90
N LEU A 142 2.41 4.88 -7.00
CA LEU A 142 1.62 3.72 -7.38
C LEU A 142 0.56 3.48 -6.32
N ILE A 143 -0.67 3.22 -6.76
CA ILE A 143 -1.74 2.74 -5.87
C ILE A 143 -1.99 1.27 -6.17
N THR A 144 -2.14 0.45 -5.13
CA THR A 144 -2.35 -1.00 -5.33
C THR A 144 -3.69 -1.53 -4.77
N PRO A 145 -4.81 -1.12 -5.35
CA PRO A 145 -6.10 -1.64 -4.86
C PRO A 145 -6.41 -3.05 -5.34
N ASN A 146 -7.05 -3.85 -4.48
CA ASN A 146 -7.73 -5.03 -4.98
C ASN A 146 -9.08 -4.56 -5.52
N THR A 147 -9.88 -5.47 -6.07
CA THR A 147 -11.11 -5.01 -6.73
C THR A 147 -12.10 -4.37 -5.76
N VAL A 148 -12.11 -4.82 -4.51
CA VAL A 148 -13.04 -4.25 -3.53
C VAL A 148 -12.62 -2.82 -3.19
N GLU A 149 -11.33 -2.63 -2.93
CA GLU A 149 -10.79 -1.31 -2.62
C GLU A 149 -10.97 -0.35 -3.78
N LEU A 150 -10.76 -0.85 -5.00
CA LEU A 150 -10.93 0.01 -6.18
C LEU A 150 -12.36 0.55 -6.26
N ARG A 151 -13.34 -0.31 -6.04
CA ARG A 151 -14.74 0.12 -6.08
C ARG A 151 -15.09 1.08 -4.94
N ALA A 152 -14.53 0.82 -3.75
CA ALA A 152 -14.83 1.67 -2.59
C ALA A 152 -14.25 3.08 -2.75
N LEU A 153 -13.02 3.17 -3.26
CA LEU A 153 -12.40 4.48 -3.46
C LEU A 153 -13.13 5.35 -4.48
N THR A 154 -13.76 4.72 -5.46
CA THR A 154 -14.34 5.43 -6.60
C THR A 154 -15.86 5.49 -6.64
N GLY A 155 -16.51 4.59 -5.91
CA GLY A 155 -17.97 4.50 -5.96
C GLY A 155 -18.49 3.97 -7.29
N VAL A 156 -17.64 3.22 -7.98
CA VAL A 156 -17.96 2.68 -9.31
C VAL A 156 -17.82 1.16 -9.30
N THR A 157 -18.84 0.42 -9.76
CA THR A 157 -18.73 -1.03 -9.72
C THR A 157 -18.01 -1.62 -10.94
N ASP A 158 -18.15 -1.02 -12.12
CA ASP A 158 -17.42 -1.53 -13.28
C ASP A 158 -15.92 -1.30 -13.09
N LEU A 159 -15.12 -2.35 -13.26
CA LEU A 159 -13.69 -2.26 -12.97
C LEU A 159 -12.96 -1.32 -13.93
N ASP A 160 -13.31 -1.38 -15.21
CA ASP A 160 -12.71 -0.50 -16.21
C ASP A 160 -13.02 0.96 -15.89
N GLN A 161 -14.30 1.25 -15.67
CA GLN A 161 -14.73 2.60 -15.31
C GLN A 161 -14.16 3.07 -13.97
N ALA A 162 -14.03 2.16 -13.01
CA ALA A 162 -13.49 2.55 -11.70
C ALA A 162 -12.02 2.91 -11.85
N THR A 163 -11.31 2.16 -12.67
CA THR A 163 -9.90 2.46 -12.93
C THR A 163 -9.74 3.85 -13.56
N GLN A 164 -10.58 4.18 -14.54
CA GLN A 164 -10.47 5.48 -15.17
CA GLN A 164 -10.48 5.48 -15.16
C GLN A 164 -10.85 6.59 -14.17
N LYS A 165 -11.84 6.33 -13.32
CA LYS A 165 -12.19 7.30 -12.28
C LYS A 165 -11.02 7.60 -11.34
N LEU A 166 -10.26 6.56 -10.98
CA LEU A 166 -9.10 6.76 -10.13
C LEU A 166 -8.11 7.70 -10.81
N PHE A 167 -7.94 7.56 -12.12
CA PHE A 167 -7.06 8.47 -12.84
C PHE A 167 -7.65 9.87 -12.92
N GLU A 168 -8.98 9.98 -13.02
CA GLU A 168 -9.61 11.31 -13.02
C GLU A 168 -9.42 11.98 -11.65
N MET A 169 -9.25 11.16 -10.62
CA MET A 169 -9.02 11.65 -9.25
C MET A 169 -7.55 11.98 -8.99
N GLY A 170 -6.71 11.88 -10.01
CA GLY A 170 -5.32 12.29 -9.91
C GLY A 170 -4.27 11.20 -9.78
N ALA A 171 -4.67 9.93 -9.89
CA ALA A 171 -3.73 8.82 -9.78
C ALA A 171 -2.67 8.88 -10.88
N LYS A 172 -1.45 8.49 -10.54
CA LYS A 172 -0.34 8.47 -11.49
C LYS A 172 -0.16 7.09 -12.10
N ALA A 173 -0.31 6.07 -11.28
CA ALA A 173 -0.23 4.68 -11.73
C ALA A 173 -1.02 3.83 -10.77
N VAL A 174 -1.64 2.78 -11.31
CA VAL A 174 -2.52 1.93 -10.51
C VAL A 174 -2.24 0.47 -10.87
N LEU A 175 -1.99 -0.35 -9.84
CA LEU A 175 -1.86 -1.79 -10.04
C LEU A 175 -3.13 -2.43 -9.50
N VAL A 176 -4.05 -2.80 -10.38
CA VAL A 176 -5.30 -3.41 -9.93
C VAL A 176 -5.10 -4.91 -9.72
N LYS A 177 -5.39 -5.37 -8.52
CA LYS A 177 -5.22 -6.77 -8.19
C LYS A 177 -6.54 -7.52 -8.29
N GLY A 178 -6.62 -8.40 -9.27
CA GLY A 178 -7.80 -9.23 -9.45
C GLY A 178 -8.69 -8.67 -10.53
N GLY A 179 -9.75 -9.41 -10.85
CA GLY A 179 -10.66 -8.97 -11.89
C GLY A 179 -11.21 -10.13 -12.71
N HIS A 180 -11.63 -9.81 -13.93
CA HIS A 180 -12.35 -10.75 -14.76
C HIS A 180 -11.46 -11.86 -15.33
N GLU A 181 -10.14 -11.71 -15.21
CA GLU A 181 -9.22 -12.70 -15.73
C GLU A 181 -8.73 -13.70 -14.68
N ASP A 182 -9.25 -13.59 -13.45
CA ASP A 182 -8.88 -14.49 -12.37
C ASP A 182 -9.30 -15.94 -12.63
N THR A 183 -8.61 -16.86 -11.99
CA THR A 183 -8.94 -18.29 -12.04
C THR A 183 -8.77 -18.89 -10.64
N PRO A 184 -9.18 -20.16 -10.45
CA PRO A 184 -8.87 -20.83 -9.18
C PRO A 184 -7.39 -20.90 -8.81
N ASP A 185 -6.48 -20.66 -9.75
CA ASP A 185 -5.05 -20.79 -9.49
C ASP A 185 -4.30 -19.46 -9.45
N PHE A 186 -4.84 -18.44 -10.13
CA PHE A 186 -4.15 -17.15 -10.22
C PHE A 186 -5.10 -15.97 -10.10
N ILE A 187 -4.61 -14.90 -9.46
CA ILE A 187 -5.23 -13.59 -9.56
C ILE A 187 -4.50 -12.80 -10.63
N LYS A 188 -5.25 -12.20 -11.55
CA LYS A 188 -4.64 -11.42 -12.62
C LYS A 188 -4.48 -9.96 -12.19
N ASN A 189 -3.28 -9.42 -12.38
CA ASN A 189 -3.00 -8.02 -12.05
C ASN A 189 -2.81 -7.20 -13.31
N SER A 190 -3.37 -5.98 -13.31
CA SER A 190 -3.21 -5.05 -14.43
C SER A 190 -2.55 -3.75 -13.94
N LEU A 191 -1.40 -3.41 -14.53
CA LEU A 191 -0.72 -2.16 -14.22
C LEU A 191 -1.07 -1.08 -15.24
N TYR A 192 -1.64 0.02 -14.75
CA TYR A 192 -1.96 1.17 -15.59
C TYR A 192 -1.05 2.34 -15.24
N ILE A 193 -0.51 2.98 -16.26
CA ILE A 193 0.29 4.18 -16.08
C ILE A 193 -0.35 5.30 -16.89
N ASP A 194 -0.69 6.41 -16.23
CA ASP A 194 -1.35 7.54 -16.87
C ASP A 194 -2.59 7.12 -17.67
N GLY A 195 -3.39 6.22 -17.10
CA GLY A 195 -4.65 5.80 -17.72
C GLY A 195 -4.56 4.71 -18.77
N GLU A 196 -3.34 4.29 -19.10
CA GLU A 196 -3.13 3.29 -20.15
C GLU A 196 -2.57 1.99 -19.59
N LEU A 197 -3.04 0.86 -20.12
CA LEU A 197 -2.52 -0.44 -19.69
C LEU A 197 -1.03 -0.56 -20.07
N ALA A 198 -0.18 -0.77 -19.07
CA ALA A 198 1.27 -0.80 -19.27
C ALA A 198 1.81 -2.22 -19.16
N ALA A 199 1.22 -3.00 -18.26
CA ALA A 199 1.59 -4.39 -18.10
C ALA A 199 0.37 -5.14 -17.58
N SER A 200 0.09 -6.29 -18.19
CA SER A 200 -1.01 -7.15 -17.74
C SER A 200 -0.39 -8.45 -17.30
N SER A 201 -0.61 -8.82 -16.04
CA SER A 201 0.09 -9.95 -15.46
CA SER A 201 0.07 -10.00 -15.53
C SER A 201 -0.81 -10.82 -14.60
N THR A 202 -0.18 -11.76 -13.90
CA THR A 202 -0.86 -12.62 -12.94
C THR A 202 -0.01 -12.63 -11.68
N CYS A 203 -0.46 -13.40 -10.69
CA CYS A 203 0.24 -13.51 -9.43
C CYS A 203 -0.39 -14.65 -8.62
N PRO A 204 0.40 -15.70 -8.34
CA PRO A 204 -0.09 -16.96 -7.73
C PRO A 204 -0.84 -16.75 -6.42
N CYS A 215 -2.45 -11.34 -3.24
CA CYS A 215 -1.22 -10.70 -3.67
C CYS A 215 -0.95 -9.43 -2.88
N SER A 216 -0.14 -9.53 -1.84
CA SER A 216 0.31 -8.35 -1.11
C SER A 216 1.62 -7.87 -1.70
N LEU A 217 1.53 -6.97 -2.67
CA LEU A 217 2.67 -6.60 -3.50
C LEU A 217 3.27 -5.23 -3.17
N ALA A 218 2.50 -4.40 -2.46
CA ALA A 218 2.88 -3.00 -2.25
C ALA A 218 4.27 -2.81 -1.65
N SER A 219 4.55 -3.50 -0.55
CA SER A 219 5.81 -3.32 0.15
C SER A 219 6.99 -3.87 -0.62
N PHE A 220 6.82 -5.02 -1.29
CA PHE A 220 7.91 -5.53 -2.12
C PHE A 220 8.23 -4.55 -3.25
N ILE A 221 7.17 -4.05 -3.90
CA ILE A 221 7.35 -3.08 -4.98
C ILE A 221 8.06 -1.83 -4.46
N ALA A 222 7.65 -1.35 -3.28
CA ALA A 222 8.29 -0.20 -2.66
C ALA A 222 9.79 -0.43 -2.48
N GLY A 223 10.14 -1.64 -2.04
CA GLY A 223 11.54 -1.97 -1.86
C GLY A 223 12.31 -1.90 -3.16
N ARG A 224 11.73 -2.44 -4.23
CA ARG A 224 12.38 -2.41 -5.53
C ARG A 224 12.49 -0.98 -6.08
N LEU A 225 11.46 -0.17 -5.87
CA LEU A 225 11.54 1.25 -6.23
C LEU A 225 12.65 1.96 -5.46
N ALA A 226 12.79 1.66 -4.18
CA ALA A 226 13.86 2.24 -3.37
C ALA A 226 15.23 1.89 -3.94
N LEU A 227 15.33 0.70 -4.52
CA LEU A 227 16.60 0.21 -5.08
C LEU A 227 16.84 0.72 -6.50
N GLY A 228 15.91 1.50 -7.04
CA GLY A 228 16.14 2.16 -8.32
C GLY A 228 15.45 1.55 -9.53
N ASP A 229 14.63 0.52 -9.30
CA ASP A 229 13.88 -0.12 -10.38
C ASP A 229 12.83 0.81 -10.96
N SER A 230 12.55 0.64 -12.25
CA SER A 230 11.39 1.27 -12.85
C SER A 230 10.14 0.59 -12.32
N LEU A 231 8.99 1.25 -12.47
CA LEU A 231 7.73 0.70 -12.00
CA LEU A 231 7.71 0.70 -12.02
C LEU A 231 7.45 -0.68 -12.63
N LYS A 232 7.63 -0.78 -13.95
CA LYS A 232 7.37 -2.06 -14.63
C LYS A 232 8.30 -3.16 -14.12
N ILE A 233 9.57 -2.83 -13.92
CA ILE A 233 10.54 -3.81 -13.45
C ILE A 233 10.23 -4.21 -12.02
N ALA A 234 9.83 -3.24 -11.19
CA ALA A 234 9.47 -3.54 -9.80
C ALA A 234 8.28 -4.48 -9.72
N VAL A 235 7.26 -4.23 -10.55
CA VAL A 235 6.07 -5.07 -10.56
C VAL A 235 6.42 -6.49 -11.00
N GLN A 236 7.24 -6.59 -12.04
CA GLN A 236 7.67 -7.90 -12.52
C GLN A 236 8.44 -8.68 -11.43
N HIS A 237 9.34 -8.02 -10.73
CA HIS A 237 10.13 -8.64 -9.66
CA HIS A 237 10.11 -8.73 -9.71
C HIS A 237 9.19 -9.18 -8.57
N ALA A 238 8.17 -8.40 -8.26
CA ALA A 238 7.23 -8.79 -7.21
C ALA A 238 6.50 -10.07 -7.59
N GLU A 239 6.13 -10.22 -8.86
CA GLU A 239 5.48 -11.47 -9.33
CA GLU A 239 5.46 -11.44 -9.28
C GLU A 239 6.46 -12.62 -9.30
N THR A 240 7.70 -12.37 -9.73
CA THR A 240 8.73 -13.41 -9.73
C THR A 240 8.96 -13.92 -8.30
N TRP A 241 8.99 -12.99 -7.35
CA TRP A 241 9.14 -13.31 -5.94
C TRP A 241 8.07 -14.28 -5.46
N LEU A 242 6.81 -13.98 -5.77
CA LEU A 242 5.71 -14.86 -5.38
C LEU A 242 5.73 -16.20 -6.14
N PHE A 243 6.21 -16.19 -7.38
CA PHE A 243 6.28 -17.42 -8.15
C PHE A 243 7.36 -18.35 -7.60
N GLY A 244 8.06 -17.89 -6.56
CA GLY A 244 9.02 -18.71 -5.84
C GLY A 244 8.66 -18.85 -4.38
N VAL A 245 7.72 -18.03 -3.92
CA VAL A 245 7.31 -18.05 -2.52
C VAL A 245 6.47 -19.25 -2.14
#